data_5Y5U
#
_entry.id   5Y5U
#
_cell.length_a   40.155
_cell.length_b   42.013
_cell.length_c   87.660
_cell.angle_alpha   79.83
_cell.angle_beta   90.78
_cell.angle_gamma   79.60
#
_symmetry.space_group_name_H-M   'P 1'
#
loop_
_entity.id
_entity.type
_entity.pdbx_description
1 polymer 'Tyrosine-protein kinase SYK'
2 non-polymer 4-[(1-methylindazol-5-yl)amino]-2-(4-oxidanylpiperidin-1-yl)-8H-pyrido[4,3-d]pyrimidin-5-one
3 water water
#
_entity_poly.entity_id   1
_entity_poly.type   'polypeptide(L)'
_entity_poly.pdbx_seq_one_letter_code
;MALEEIRPKEVYLDRKLLTLEDKELGSGNFGTVKKGYYQMKKVVKTVAVKILKNEANDPALKDELLAEANVMQQLDNPYI
VRMIGICEAESWMLVMEMAELGPLNKYLQQNRHVKDKNIIELVHQVSMGMKYLEESNFVHRDLAARNVLLVTQHYAKISD
FGLSKALRADENYYKAQTHGKWPVKWYAPECINYYKFSSKSDVWSFGVLMWEAFSYGQKPYRGMKGSEVTAMLEKGERMG
CPAGCPREMYDLMNLCWTYDVENRPGFAAVELRLRNYYYDVVNLEHHHHHHHH
;
_entity_poly.pdbx_strand_id   A,B
#
loop_
_chem_comp.id
_chem_comp.type
_chem_comp.name
_chem_comp.formula
8OU non-polymer 4-[(1-methylindazol-5-yl)amino]-2-(4-oxidanylpiperidin-1-yl)-8H-pyrido[4,3-d]pyrimidin-5-one 'C20 H21 N7 O2'
#
# COMPACT_ATOMS: atom_id res chain seq x y z
N TYR A 12 -26.67 11.09 -36.18
CA TYR A 12 -26.62 11.65 -34.85
C TYR A 12 -28.05 12.09 -34.52
N LEU A 13 -28.27 12.71 -33.36
CA LEU A 13 -29.62 12.79 -32.81
C LEU A 13 -30.31 14.11 -32.97
N ASP A 14 -31.60 14.04 -33.17
CA ASP A 14 -32.38 15.18 -33.63
C ASP A 14 -33.15 15.77 -32.45
N ARG A 15 -32.96 17.07 -32.22
CA ARG A 15 -33.53 17.79 -31.08
C ARG A 15 -35.06 17.69 -31.00
N LYS A 16 -35.71 17.75 -32.15
CA LYS A 16 -37.18 17.71 -32.24
C LYS A 16 -37.77 16.47 -31.58
N LEU A 17 -37.22 15.29 -31.89
CA LEU A 17 -37.67 14.04 -31.29
C LEU A 17 -37.21 13.85 -29.83
N LEU A 18 -36.55 14.86 -29.24
CA LEU A 18 -36.15 14.84 -27.85
C LEU A 18 -36.94 15.84 -27.01
N THR A 19 -37.61 15.33 -25.98
CA THR A 19 -38.29 16.14 -24.98
C THR A 19 -37.53 16.06 -23.66
N LEU A 20 -37.29 17.18 -23.03
CA LEU A 20 -36.72 17.23 -21.71
C LEU A 20 -37.61 17.76 -20.61
N GLU A 21 -37.65 17.10 -19.47
CA GLU A 21 -38.23 17.66 -18.25
C GLU A 21 -37.27 18.69 -17.77
N ASP A 22 -37.67 19.66 -16.97
CA ASP A 22 -36.75 20.73 -16.58
C ASP A 22 -36.04 20.71 -15.19
N LYS A 23 -36.48 19.85 -14.31
CA LYS A 23 -35.75 19.51 -13.12
C LYS A 23 -34.52 18.63 -13.37
N GLU A 24 -33.42 19.12 -12.81
CA GLU A 24 -32.09 18.52 -12.94
C GLU A 24 -31.95 17.41 -11.91
N LEU A 25 -31.55 16.23 -12.40
CA LEU A 25 -31.40 15.05 -11.54
C LEU A 25 -30.11 15.08 -10.72
N GLY A 26 -29.18 15.97 -11.08
CA GLY A 26 -27.86 16.02 -10.45
C GLY A 26 -26.80 16.40 -11.47
N SER A 27 -25.55 16.43 -11.02
CA SER A 27 -24.43 16.89 -11.84
C SER A 27 -23.34 15.83 -11.94
N GLY A 28 -22.73 15.74 -13.13
CA GLY A 28 -21.56 14.90 -13.38
C GLY A 28 -20.41 15.80 -13.78
N ASN A 29 -19.31 15.19 -14.23
CA ASN A 29 -18.05 15.93 -14.44
C ASN A 29 -18.12 17.20 -15.33
N PHE A 30 -18.94 17.17 -16.38
CA PHE A 30 -18.99 18.29 -17.35
C PHE A 30 -20.38 18.83 -17.65
N GLY A 31 -21.34 18.48 -16.80
CA GLY A 31 -22.68 18.91 -17.04
C GLY A 31 -23.64 18.51 -15.97
N THR A 32 -24.90 18.59 -16.37
CA THR A 32 -26.04 18.53 -15.49
C THR A 32 -27.00 17.58 -16.16
N VAL A 33 -27.42 16.56 -15.42
CA VAL A 33 -28.22 15.49 -15.99
C VAL A 33 -29.70 15.80 -15.78
N LYS A 34 -30.47 15.66 -16.86
CA LYS A 34 -31.93 15.87 -16.82
C LYS A 34 -32.65 14.70 -17.45
N LYS A 35 -33.85 14.42 -16.95
CA LYS A 35 -34.70 13.38 -17.53
C LYS A 35 -35.27 13.90 -18.84
N GLY A 36 -35.55 12.97 -19.73
CA GLY A 36 -36.15 13.31 -21.00
C GLY A 36 -36.75 12.12 -21.69
N TYR A 37 -37.36 12.38 -22.84
CA TYR A 37 -38.02 11.35 -23.61
C TYR A 37 -37.52 11.54 -25.03
N TYR A 38 -37.10 10.44 -25.66
CA TYR A 38 -36.62 10.49 -27.01
C TYR A 38 -37.39 9.49 -27.88
N GLN A 39 -38.07 10.00 -28.92
CA GLN A 39 -38.91 9.18 -29.81
C GLN A 39 -38.07 8.49 -30.86
N MET A 40 -38.02 7.17 -30.75
CA MET A 40 -37.38 6.25 -31.65
C MET A 40 -38.40 5.99 -32.74
N LYS A 41 -38.27 4.94 -33.54
CA LYS A 41 -39.19 4.80 -34.65
C LYS A 41 -40.66 4.72 -34.21
N LYS A 42 -40.92 3.84 -33.27
CA LYS A 42 -42.29 3.50 -32.93
C LYS A 42 -42.72 3.86 -31.49
N VAL A 43 -41.75 3.94 -30.61
CA VAL A 43 -41.91 4.01 -29.19
C VAL A 43 -41.10 5.16 -28.74
N VAL A 44 -41.24 5.51 -27.49
CA VAL A 44 -40.38 6.54 -26.90
C VAL A 44 -39.45 5.85 -25.90
N LYS A 45 -38.18 6.26 -25.89
CA LYS A 45 -37.21 5.76 -24.90
C LYS A 45 -37.08 6.84 -23.85
N THR A 46 -37.30 6.46 -22.61
CA THR A 46 -37.01 7.34 -21.53
C THR A 46 -35.51 7.49 -21.41
N VAL A 47 -35.03 8.70 -21.29
CA VAL A 47 -33.62 8.92 -21.31
C VAL A 47 -33.15 9.88 -20.26
N ALA A 48 -31.88 9.78 -19.96
CA ALA A 48 -31.16 10.75 -19.13
C ALA A 48 -30.19 11.49 -20.02
N VAL A 49 -30.16 12.82 -19.89
CA VAL A 49 -29.43 13.68 -20.83
C VAL A 49 -28.48 14.60 -20.07
N LYS A 50 -27.18 14.43 -20.34
CA LYS A 50 -26.14 15.27 -19.79
C LYS A 50 -26.00 16.47 -20.72
N ILE A 51 -26.19 17.68 -20.16
CA ILE A 51 -26.29 18.93 -20.90
C ILE A 51 -25.16 19.83 -20.47
N LEU A 52 -24.43 20.38 -21.44
CA LEU A 52 -23.19 21.07 -21.14
C LEU A 52 -23.42 22.44 -20.51
N LYS A 53 -22.74 22.65 -19.37
CA LYS A 53 -22.79 23.89 -18.58
C LYS A 53 -22.52 25.11 -19.47
N PRO A 59 -15.58 27.34 -24.33
CA PRO A 59 -14.24 27.23 -24.91
C PRO A 59 -13.88 25.77 -25.28
N ALA A 60 -13.18 25.08 -24.39
CA ALA A 60 -12.89 23.62 -24.39
C ALA A 60 -14.03 22.59 -24.21
N LEU A 61 -14.99 22.88 -23.35
CA LEU A 61 -15.82 21.86 -22.75
C LEU A 61 -16.52 21.03 -23.76
N LYS A 62 -16.81 21.60 -24.89
CA LYS A 62 -17.50 20.85 -25.87
C LYS A 62 -16.62 19.66 -26.15
N ASP A 63 -15.32 19.85 -26.22
CA ASP A 63 -14.52 18.73 -26.65
C ASP A 63 -14.63 17.60 -25.62
N GLU A 64 -14.73 18.00 -24.35
CA GLU A 64 -14.74 17.04 -23.23
C GLU A 64 -15.97 16.16 -23.29
N LEU A 65 -17.13 16.73 -23.57
CA LEU A 65 -18.32 15.94 -23.68
C LEU A 65 -18.23 15.02 -24.88
N LEU A 66 -17.77 15.57 -25.97
CA LEU A 66 -17.60 14.79 -27.15
C LEU A 66 -16.64 13.67 -26.93
N ALA A 67 -15.57 13.90 -26.20
CA ALA A 67 -14.61 12.86 -25.83
C ALA A 67 -15.26 11.76 -24.99
N GLU A 68 -16.02 12.16 -23.98
CA GLU A 68 -16.80 11.21 -23.18
C GLU A 68 -17.71 10.34 -24.04
N ALA A 69 -18.43 10.95 -24.96
CA ALA A 69 -19.24 10.21 -25.92
C ALA A 69 -18.40 9.26 -26.76
N ASN A 70 -17.23 9.73 -27.17
CA ASN A 70 -16.29 8.90 -27.92
C ASN A 70 -15.88 7.67 -27.11
N VAL A 71 -15.65 7.85 -25.81
CA VAL A 71 -15.37 6.71 -24.93
C VAL A 71 -16.60 5.78 -24.90
N MET A 72 -17.77 6.33 -24.57
CA MET A 72 -18.99 5.52 -24.40
C MET A 72 -19.37 4.70 -25.64
N GLN A 73 -19.21 5.31 -26.80
CA GLN A 73 -19.46 4.66 -28.08
C GLN A 73 -18.67 3.37 -28.28
N GLN A 74 -17.45 3.29 -27.75
CA GLN A 74 -16.64 2.07 -27.87
C GLN A 74 -16.94 0.99 -26.82
N LEU A 75 -17.80 1.28 -25.83
CA LEU A 75 -18.12 0.36 -24.74
C LEU A 75 -19.47 -0.29 -24.98
N ASP A 76 -19.51 -1.62 -24.88
CA ASP A 76 -20.76 -2.36 -24.91
C ASP A 76 -20.68 -3.51 -23.91
N ASN A 77 -21.29 -3.32 -22.75
CA ASN A 77 -21.27 -4.32 -21.69
C ASN A 77 -22.55 -4.19 -20.90
N PRO A 78 -23.08 -5.31 -20.37
CA PRO A 78 -24.31 -5.20 -19.57
C PRO A 78 -24.24 -4.25 -18.35
N TYR A 79 -23.05 -4.01 -17.82
CA TYR A 79 -22.90 -3.24 -16.59
C TYR A 79 -22.31 -1.85 -16.80
N ILE A 80 -22.44 -1.33 -18.02
CA ILE A 80 -22.05 0.03 -18.36
C ILE A 80 -23.24 0.72 -19.00
N VAL A 81 -23.57 1.91 -18.50
CA VAL A 81 -24.60 2.78 -19.08
C VAL A 81 -24.36 2.93 -20.57
N ARG A 82 -25.38 2.60 -21.35
CA ARG A 82 -25.37 2.77 -22.80
C ARG A 82 -25.59 4.21 -23.18
N MET A 83 -24.88 4.71 -24.15
CA MET A 83 -25.21 6.00 -24.77
C MET A 83 -26.16 5.75 -25.94
N ILE A 84 -27.22 6.53 -26.02
CA ILE A 84 -28.11 6.48 -27.18
C ILE A 84 -27.41 7.18 -28.34
N GLY A 85 -26.96 8.41 -28.07
CA GLY A 85 -26.24 9.18 -29.06
C GLY A 85 -25.96 10.56 -28.53
N ILE A 86 -25.64 11.47 -29.44
CA ILE A 86 -25.22 12.82 -29.13
C ILE A 86 -26.21 13.77 -29.77
N CYS A 87 -26.42 14.92 -29.14
CA CYS A 87 -27.40 15.89 -29.64
C CYS A 87 -26.89 17.31 -29.47
N GLU A 88 -27.11 18.12 -30.47
CA GLU A 88 -26.43 19.35 -30.63
C GLU A 88 -27.46 20.36 -30.91
N ALA A 89 -28.21 20.80 -29.93
CA ALA A 89 -29.13 21.84 -30.24
C ALA A 89 -29.56 22.57 -29.01
N GLU A 90 -29.50 23.90 -29.03
CA GLU A 90 -29.57 24.75 -27.84
C GLU A 90 -28.23 24.61 -27.03
N SER A 91 -27.89 23.40 -26.60
CA SER A 91 -26.64 23.07 -25.91
C SER A 91 -26.07 21.84 -26.57
N TRP A 92 -24.85 21.45 -26.20
CA TRP A 92 -24.39 20.15 -26.56
C TRP A 92 -24.88 19.14 -25.58
N MET A 93 -25.30 18.00 -26.06
CA MET A 93 -26.05 17.06 -25.23
C MET A 93 -25.62 15.61 -25.50
N LEU A 94 -25.47 14.87 -24.41
CA LEU A 94 -25.11 13.46 -24.44
C LEU A 94 -26.29 12.65 -23.89
N VAL A 95 -26.93 11.89 -24.77
CA VAL A 95 -28.18 11.23 -24.48
C VAL A 95 -27.92 9.79 -24.08
N MET A 96 -28.35 9.42 -22.88
CA MET A 96 -28.11 8.07 -22.34
C MET A 96 -29.39 7.39 -21.93
N GLU A 97 -29.35 6.08 -21.78
CA GLU A 97 -30.45 5.36 -21.20
C GLU A 97 -30.70 5.82 -19.76
N MET A 98 -31.92 5.67 -19.31
CA MET A 98 -32.34 6.12 -17.99
C MET A 98 -32.26 4.95 -17.03
N ALA A 99 -31.45 5.07 -16.01
CA ALA A 99 -31.50 4.17 -14.87
C ALA A 99 -32.42 4.73 -13.80
N GLU A 100 -33.63 4.20 -13.72
CA GLU A 100 -34.70 4.88 -12.96
C GLU A 100 -34.38 5.06 -11.46
N LEU A 101 -33.76 4.07 -10.82
CA LEU A 101 -33.47 4.14 -9.36
C LEU A 101 -32.37 5.09 -8.95
N GLY A 102 -31.59 5.58 -9.91
CA GLY A 102 -30.60 6.59 -9.63
C GLY A 102 -29.33 6.04 -9.00
N PRO A 103 -28.48 6.94 -8.51
CA PRO A 103 -27.18 6.56 -7.99
C PRO A 103 -27.20 5.66 -6.74
N LEU A 104 -26.26 4.71 -6.71
CA LEU A 104 -26.14 3.70 -5.64
C LEU A 104 -26.05 4.29 -4.23
N ASN A 105 -25.32 5.39 -4.07
CA ASN A 105 -25.11 5.92 -2.74
C ASN A 105 -26.40 6.53 -2.15
N LYS A 106 -27.15 7.25 -2.99
CA LYS A 106 -28.47 7.78 -2.61
C LYS A 106 -29.50 6.71 -2.36
N TYR A 107 -29.55 5.72 -3.24
CA TYR A 107 -30.49 4.64 -3.06
C TYR A 107 -30.25 3.93 -1.73
N LEU A 108 -29.02 3.52 -1.47
CA LEU A 108 -28.71 2.81 -0.21
C LEU A 108 -28.95 3.68 1.02
N GLN A 109 -28.73 5.00 0.91
CA GLN A 109 -29.05 5.98 1.97
C GLN A 109 -30.52 5.90 2.35
N GLN A 110 -31.37 5.90 1.33
CA GLN A 110 -32.81 5.87 1.51
C GLN A 110 -33.39 4.46 1.63
N ASN A 111 -32.58 3.41 1.48
CA ASN A 111 -33.08 2.04 1.51
C ASN A 111 -32.22 1.15 2.41
N ARG A 112 -32.14 1.55 3.67
CA ARG A 112 -31.28 0.87 4.64
C ARG A 112 -31.66 -0.58 4.92
N HIS A 113 -32.89 -0.93 4.58
CA HIS A 113 -33.33 -2.34 4.54
C HIS A 113 -32.65 -3.25 3.50
N VAL A 114 -31.93 -2.69 2.52
CA VAL A 114 -31.27 -3.50 1.48
C VAL A 114 -30.31 -4.51 2.13
N LYS A 115 -30.41 -5.77 1.72
CA LYS A 115 -29.70 -6.86 2.38
C LYS A 115 -28.22 -6.91 1.96
N ASP A 116 -27.37 -7.36 2.89
CA ASP A 116 -25.95 -7.52 2.61
C ASP A 116 -25.71 -8.28 1.30
N LYS A 117 -26.47 -9.33 1.05
CA LYS A 117 -26.26 -10.14 -0.17
C LYS A 117 -26.73 -9.41 -1.43
N ASN A 118 -27.65 -8.48 -1.27
CA ASN A 118 -28.06 -7.58 -2.33
C ASN A 118 -26.93 -6.65 -2.73
N ILE A 119 -26.22 -6.17 -1.74
CA ILE A 119 -25.10 -5.26 -2.00
C ILE A 119 -23.93 -5.98 -2.67
N ILE A 120 -23.69 -7.22 -2.26
CA ILE A 120 -22.68 -8.07 -2.89
C ILE A 120 -23.00 -8.23 -4.38
N GLU A 121 -24.23 -8.59 -4.70
CA GLU A 121 -24.69 -8.77 -6.07
C GLU A 121 -24.31 -7.55 -6.93
N LEU A 122 -24.72 -6.38 -6.44
CA LEU A 122 -24.48 -5.10 -7.10
C LEU A 122 -23.01 -4.73 -7.24
N VAL A 123 -22.19 -4.87 -6.19
CA VAL A 123 -20.77 -4.53 -6.33
C VAL A 123 -20.10 -5.56 -7.24
N HIS A 124 -20.47 -6.82 -7.13
CA HIS A 124 -20.01 -7.82 -8.11
C HIS A 124 -20.30 -7.40 -9.55
N GLN A 125 -21.49 -6.89 -9.82
CA GLN A 125 -21.82 -6.38 -11.16
C GLN A 125 -20.92 -5.25 -11.61
N VAL A 126 -20.61 -4.33 -10.69
CA VAL A 126 -19.67 -3.25 -10.99
C VAL A 126 -18.30 -3.85 -11.33
N SER A 127 -17.87 -4.86 -10.58
CA SER A 127 -16.58 -5.51 -10.84
C SER A 127 -16.55 -6.25 -12.20
N MET A 128 -17.70 -6.72 -12.65
CA MET A 128 -17.81 -7.29 -14.01
C MET A 128 -17.70 -6.17 -15.04
N GLY A 129 -18.46 -5.11 -14.81
CA GLY A 129 -18.34 -3.89 -15.60
C GLY A 129 -16.93 -3.36 -15.68
N MET A 130 -16.22 -3.38 -14.54
CA MET A 130 -14.84 -2.90 -14.51
C MET A 130 -13.81 -3.86 -15.10
N LYS A 131 -14.02 -5.16 -14.94
CA LYS A 131 -13.21 -6.19 -15.60
C LYS A 131 -13.21 -6.04 -17.13
N TYR A 132 -14.40 -5.86 -17.71
CA TYR A 132 -14.56 -5.48 -19.12
C TYR A 132 -13.75 -4.24 -19.47
N LEU A 133 -13.89 -3.19 -18.66
CA LEU A 133 -13.18 -1.95 -18.89
C LEU A 133 -11.67 -2.16 -18.84
N GLU A 134 -11.21 -3.00 -17.91
CA GLU A 134 -9.77 -3.34 -17.83
C GLU A 134 -9.31 -4.12 -19.05
N GLU A 135 -10.10 -5.12 -19.47
CA GLU A 135 -9.80 -5.88 -20.71
C GLU A 135 -9.76 -4.97 -21.93
N SER A 136 -10.63 -3.96 -21.96
CA SER A 136 -10.70 -2.98 -23.03
C SER A 136 -9.64 -1.89 -22.95
N ASN A 137 -8.84 -1.88 -21.88
CA ASN A 137 -7.75 -0.92 -21.70
C ASN A 137 -8.22 0.53 -21.67
N PHE A 138 -9.31 0.74 -20.93
CA PHE A 138 -9.84 2.06 -20.63
C PHE A 138 -9.72 2.23 -19.14
N VAL A 139 -9.40 3.42 -18.72
CA VAL A 139 -9.32 3.72 -17.33
C VAL A 139 -10.48 4.60 -17.00
N HIS A 140 -11.24 4.26 -15.97
CA HIS A 140 -12.33 5.08 -15.60
C HIS A 140 -12.01 6.42 -14.97
N ARG A 141 -11.20 6.42 -13.94
CA ARG A 141 -10.70 7.65 -13.24
C ARG A 141 -11.70 8.42 -12.36
N ASP A 142 -12.91 7.95 -12.20
CA ASP A 142 -13.93 8.57 -11.32
C ASP A 142 -14.89 7.52 -10.81
N LEU A 143 -14.37 6.35 -10.43
CA LEU A 143 -15.21 5.24 -9.97
C LEU A 143 -15.60 5.50 -8.53
N ALA A 144 -16.90 5.63 -8.30
CA ALA A 144 -17.41 6.00 -6.99
C ALA A 144 -18.87 5.62 -6.96
N ALA A 145 -19.42 5.41 -5.77
CA ALA A 145 -20.80 4.97 -5.65
C ALA A 145 -21.80 5.92 -6.32
N ARG A 146 -21.50 7.22 -6.31
CA ARG A 146 -22.34 8.19 -7.03
C ARG A 146 -22.45 7.91 -8.54
N ASN A 147 -21.41 7.37 -9.15
CA ASN A 147 -21.47 7.01 -10.57
C ASN A 147 -21.77 5.53 -10.84
N VAL A 148 -22.36 4.82 -9.88
CA VAL A 148 -23.00 3.53 -10.17
C VAL A 148 -24.49 3.83 -10.20
N LEU A 149 -25.15 3.50 -11.30
CA LEU A 149 -26.59 3.75 -11.44
C LEU A 149 -27.40 2.49 -11.40
N LEU A 150 -28.53 2.54 -10.69
CA LEU A 150 -29.42 1.40 -10.56
C LEU A 150 -30.59 1.44 -11.55
N VAL A 151 -30.56 0.49 -12.49
CA VAL A 151 -31.67 0.24 -13.41
C VAL A 151 -32.79 -0.45 -12.63
N THR A 152 -32.43 -1.46 -11.85
CA THR A 152 -33.32 -2.09 -10.87
C THR A 152 -32.53 -2.29 -9.56
N GLN A 153 -33.25 -2.67 -8.50
CA GLN A 153 -32.61 -2.94 -7.22
C GLN A 153 -31.55 -4.07 -7.33
N HIS A 154 -31.61 -4.88 -8.38
CA HIS A 154 -30.63 -5.93 -8.65
C HIS A 154 -29.90 -5.78 -9.99
N TYR A 155 -29.75 -4.55 -10.47
CA TYR A 155 -29.08 -4.30 -11.73
C TYR A 155 -28.42 -2.93 -11.68
N ALA A 156 -27.09 -2.93 -11.62
CA ALA A 156 -26.28 -1.72 -11.51
C ALA A 156 -25.46 -1.53 -12.79
N LYS A 157 -25.28 -0.27 -13.18
CA LYS A 157 -24.47 0.08 -14.35
C LYS A 157 -23.54 1.20 -13.99
N ILE A 158 -22.32 1.15 -14.54
CA ILE A 158 -21.33 2.18 -14.30
C ILE A 158 -21.55 3.31 -15.31
N SER A 159 -21.42 4.54 -14.86
CA SER A 159 -21.60 5.73 -15.66
C SER A 159 -20.54 6.76 -15.42
N ASP A 160 -20.62 7.81 -16.22
CA ASP A 160 -19.80 8.99 -16.18
C ASP A 160 -18.35 8.67 -16.53
N PHE A 161 -18.09 8.76 -17.82
CA PHE A 161 -16.77 8.53 -18.38
C PHE A 161 -16.14 9.86 -18.76
N GLY A 162 -16.53 10.93 -18.06
CA GLY A 162 -15.93 12.25 -18.28
C GLY A 162 -14.44 12.34 -18.02
N LEU A 163 -13.91 11.54 -17.09
CA LEU A 163 -12.47 11.52 -16.81
C LEU A 163 -11.74 10.35 -17.45
N SER A 164 -12.45 9.54 -18.24
CA SER A 164 -11.90 8.27 -18.68
C SER A 164 -10.93 8.45 -19.85
N LYS A 165 -10.02 7.48 -19.97
CA LYS A 165 -8.96 7.53 -20.96
C LYS A 165 -8.79 6.15 -21.57
N ALA A 166 -8.55 6.15 -22.87
CA ALA A 166 -8.17 4.98 -23.64
C ALA A 166 -6.68 4.83 -23.46
N LEU A 167 -6.23 3.73 -22.86
CA LEU A 167 -4.80 3.50 -22.73
C LEU A 167 -4.16 3.23 -24.09
N ARG A 168 -2.90 3.64 -24.21
CA ARG A 168 -2.06 3.31 -25.35
C ARG A 168 -1.75 1.83 -25.40
N ALA A 169 -1.58 1.28 -26.60
CA ALA A 169 -1.33 -0.16 -26.75
C ALA A 169 -0.01 -0.59 -26.11
N ASP A 170 0.93 0.34 -25.92
CA ASP A 170 2.22 0.03 -25.29
C ASP A 170 2.32 0.41 -23.80
N GLU A 171 1.23 0.84 -23.16
CA GLU A 171 1.31 1.36 -21.78
C GLU A 171 0.13 0.87 -20.97
N ASN A 172 0.34 0.68 -19.66
CA ASN A 172 -0.75 0.35 -18.76
C ASN A 172 -1.12 1.48 -17.79
N TYR A 173 -0.77 2.73 -18.12
CA TYR A 173 -1.20 3.88 -17.32
C TYR A 173 -1.32 5.13 -18.19
N TYR A 174 -2.20 6.03 -17.77
CA TYR A 174 -2.33 7.37 -18.35
C TYR A 174 -1.69 8.32 -17.34
N LYS A 175 -0.83 9.22 -17.81
CA LYS A 175 -0.22 10.19 -16.91
C LYS A 175 -0.82 11.55 -17.19
N ALA A 176 -1.50 12.10 -16.19
CA ALA A 176 -2.15 13.39 -16.34
C ALA A 176 -1.09 14.47 -16.33
N GLN A 177 -1.31 15.50 -17.10
CA GLN A 177 -0.44 16.61 -17.06
C GLN A 177 -1.16 17.55 -16.07
N THR A 178 -0.56 17.75 -14.89
CA THR A 178 -1.14 18.48 -13.70
C THR A 178 -2.14 17.73 -12.87
N HIS A 179 -2.65 18.42 -11.86
CA HIS A 179 -3.76 17.99 -11.02
C HIS A 179 -4.81 19.07 -11.10
N GLY A 180 -5.86 18.81 -11.87
CA GLY A 180 -7.10 19.56 -11.85
C GLY A 180 -7.96 19.02 -10.74
N LYS A 181 -9.07 19.65 -10.41
CA LYS A 181 -9.79 19.25 -9.21
C LYS A 181 -10.34 17.82 -9.24
N TRP A 182 -9.92 17.02 -8.28
CA TRP A 182 -10.01 15.59 -8.37
C TRP A 182 -10.72 15.06 -7.20
N PRO A 183 -11.37 13.93 -7.39
CA PRO A 183 -12.07 13.23 -6.34
C PRO A 183 -11.08 12.43 -5.49
N VAL A 184 -10.28 13.17 -4.74
CA VAL A 184 -9.07 12.68 -4.07
C VAL A 184 -9.33 11.49 -3.15
N LYS A 185 -10.49 11.49 -2.50
CA LYS A 185 -10.86 10.42 -1.57
C LYS A 185 -11.06 9.05 -2.27
N TRP A 186 -11.23 9.05 -3.60
CA TRP A 186 -11.36 7.82 -4.37
C TRP A 186 -10.07 7.44 -5.13
N TYR A 187 -8.99 8.21 -4.93
CA TYR A 187 -7.74 8.06 -5.69
C TYR A 187 -6.62 7.34 -4.92
N ALA A 188 -5.92 6.44 -5.63
CA ALA A 188 -4.79 5.71 -5.09
C ALA A 188 -3.60 6.65 -4.90
N PRO A 189 -2.68 6.31 -3.97
CA PRO A 189 -1.46 7.09 -3.74
C PRO A 189 -0.69 7.47 -5.01
N GLU A 190 -0.57 6.54 -5.96
CA GLU A 190 0.19 6.82 -7.17
C GLU A 190 -0.46 7.84 -8.12
N CYS A 191 -1.79 8.00 -8.03
CA CYS A 191 -2.48 9.06 -8.76
C CYS A 191 -2.19 10.41 -8.13
N ILE A 192 -2.28 10.47 -6.81
CA ILE A 192 -2.00 11.71 -6.09
C ILE A 192 -0.54 12.07 -6.21
N ASN A 193 0.33 11.11 -5.97
CA ASN A 193 1.78 11.38 -5.92
C ASN A 193 2.43 11.58 -7.29
N TYR A 194 1.96 10.83 -8.29
CA TYR A 194 2.64 10.75 -9.57
C TYR A 194 1.74 10.95 -10.79
N TYR A 195 0.45 11.23 -10.56
CA TYR A 195 -0.52 11.43 -11.65
C TYR A 195 -0.60 10.23 -12.60
N LYS A 196 -0.38 9.02 -12.07
CA LYS A 196 -0.38 7.79 -12.86
C LYS A 196 -1.67 7.05 -12.56
N PHE A 197 -2.52 6.94 -13.58
CA PHE A 197 -3.80 6.29 -13.46
C PHE A 197 -3.83 5.04 -14.31
N SER A 198 -4.09 3.91 -13.66
CA SER A 198 -4.20 2.61 -14.33
C SER A 198 -5.47 1.92 -13.88
N SER A 199 -5.74 0.73 -14.44
CA SER A 199 -6.84 -0.08 -13.98
C SER A 199 -6.66 -0.44 -12.51
N LYS A 200 -5.43 -0.67 -12.10
CA LYS A 200 -5.09 -0.89 -10.72
C LYS A 200 -5.51 0.30 -9.83
N SER A 201 -5.43 1.54 -10.33
CA SER A 201 -5.92 2.68 -9.53
C SER A 201 -7.45 2.76 -9.54
N ASP A 202 -8.11 2.33 -10.62
CA ASP A 202 -9.57 2.07 -10.56
C ASP A 202 -9.90 0.99 -9.51
N VAL A 203 -9.00 0.02 -9.28
CA VAL A 203 -9.24 -1.00 -8.22
C VAL A 203 -9.25 -0.34 -6.83
N TRP A 204 -8.32 0.59 -6.61
CA TRP A 204 -8.33 1.33 -5.35
C TRP A 204 -9.67 2.04 -5.15
N SER A 205 -10.10 2.78 -6.17
CA SER A 205 -11.41 3.44 -6.18
C SER A 205 -12.55 2.49 -5.89
N PHE A 206 -12.52 1.32 -6.55
CA PHE A 206 -13.51 0.28 -6.30
C PHE A 206 -13.60 -0.12 -4.85
N GLY A 207 -12.48 -0.28 -4.19
CA GLY A 207 -12.50 -0.57 -2.75
C GLY A 207 -13.19 0.49 -1.93
N VAL A 208 -12.97 1.76 -2.27
CA VAL A 208 -13.65 2.88 -1.63
C VAL A 208 -15.14 2.81 -2.00
N LEU A 209 -15.45 2.48 -3.26
CA LEU A 209 -16.86 2.23 -3.65
C LEU A 209 -17.49 1.10 -2.84
N MET A 210 -16.76 0.01 -2.62
CA MET A 210 -17.26 -1.07 -1.78
C MET A 210 -17.56 -0.55 -0.37
N TRP A 211 -16.63 0.21 0.20
CA TRP A 211 -16.84 0.79 1.54
C TRP A 211 -18.11 1.63 1.55
N GLU A 212 -18.28 2.44 0.53
CA GLU A 212 -19.52 3.21 0.36
C GLU A 212 -20.77 2.37 0.33
N ALA A 213 -20.76 1.31 -0.48
CA ALA A 213 -21.92 0.46 -0.60
C ALA A 213 -22.29 -0.15 0.75
N PHE A 214 -21.33 -0.79 1.43
CA PHE A 214 -21.64 -1.48 2.68
C PHE A 214 -21.86 -0.56 3.88
N SER A 215 -21.59 0.74 3.72
CA SER A 215 -21.96 1.79 4.69
C SER A 215 -23.21 2.55 4.27
N TYR A 216 -24.00 1.97 3.36
CA TYR A 216 -25.28 2.53 2.94
C TYR A 216 -25.17 4.00 2.50
N GLY A 217 -24.11 4.28 1.73
CA GLY A 217 -23.99 5.53 1.03
C GLY A 217 -23.41 6.67 1.84
N GLN A 218 -22.84 6.35 2.99
CA GLN A 218 -22.08 7.32 3.76
C GLN A 218 -20.82 7.68 2.98
N LYS A 219 -20.45 8.95 3.06
CA LYS A 219 -19.25 9.46 2.46
C LYS A 219 -18.02 8.86 3.13
N PRO A 220 -16.96 8.58 2.35
CA PRO A 220 -15.70 8.09 2.90
C PRO A 220 -14.90 9.21 3.56
N TYR A 221 -14.11 8.87 4.56
CA TYR A 221 -13.24 9.84 5.23
C TYR A 221 -14.00 11.11 5.66
N ARG A 222 -15.11 10.93 6.37
CA ARG A 222 -15.99 12.07 6.72
C ARG A 222 -15.22 13.16 7.43
N GLY A 223 -15.41 14.41 6.98
CA GLY A 223 -14.81 15.58 7.61
C GLY A 223 -13.33 15.80 7.41
N MET A 224 -12.68 14.99 6.56
CA MET A 224 -11.24 15.14 6.32
C MET A 224 -11.02 15.84 5.00
N LYS A 225 -9.94 16.63 4.95
CA LYS A 225 -9.50 17.23 3.69
C LYS A 225 -8.74 16.16 2.91
N GLY A 226 -8.75 16.25 1.58
CA GLY A 226 -7.97 15.36 0.71
C GLY A 226 -6.57 15.14 1.25
N SER A 227 -5.90 16.24 1.62
CA SER A 227 -4.56 16.23 2.19
C SER A 227 -4.43 15.40 3.48
N GLU A 228 -5.46 15.40 4.32
CA GLU A 228 -5.46 14.56 5.52
C GLU A 228 -5.66 13.07 5.20
N VAL A 229 -6.47 12.78 4.18
CA VAL A 229 -6.66 11.40 3.70
C VAL A 229 -5.35 10.82 3.20
N THR A 230 -4.64 11.59 2.38
CA THR A 230 -3.34 11.17 1.83
C THR A 230 -2.33 10.86 2.94
N ALA A 231 -2.29 11.75 3.93
CA ALA A 231 -1.41 11.59 5.07
C ALA A 231 -1.79 10.35 5.90
N MET A 232 -3.07 10.12 6.10
CA MET A 232 -3.58 8.91 6.77
C MET A 232 -3.14 7.61 6.06
N LEU A 233 -3.20 7.60 4.72
CA LEU A 233 -2.86 6.40 3.93
C LEU A 233 -1.37 6.10 3.95
N GLU A 234 -0.58 7.17 3.87
CA GLU A 234 0.87 7.03 3.93
C GLU A 234 1.36 6.57 5.30
N LYS A 235 0.52 6.65 6.33
CA LYS A 235 0.78 5.94 7.59
C LYS A 235 0.39 4.45 7.58
N GLY A 236 -0.16 3.96 6.47
CA GLY A 236 -0.73 2.63 6.44
C GLY A 236 -2.05 2.52 7.20
N GLU A 237 -2.73 3.64 7.43
CA GLU A 237 -4.05 3.58 8.03
C GLU A 237 -5.11 3.57 6.93
N ARG A 238 -6.23 2.90 7.22
CA ARG A 238 -7.34 2.70 6.28
C ARG A 238 -8.62 2.91 7.04
N MET A 239 -9.72 3.08 6.30
CA MET A 239 -11.07 3.17 6.84
C MET A 239 -11.46 1.84 7.50
N GLY A 240 -12.26 1.90 8.56
CA GLY A 240 -12.78 0.72 9.25
C GLY A 240 -13.84 -0.06 8.50
N CYS A 241 -14.09 -1.27 8.99
CA CYS A 241 -15.10 -2.18 8.45
C CYS A 241 -16.49 -1.67 8.80
N PRO A 242 -17.35 -1.35 7.79
CA PRO A 242 -18.73 -0.87 8.07
C PRO A 242 -19.61 -1.84 8.85
N ALA A 243 -20.55 -1.29 9.63
CA ALA A 243 -21.50 -2.09 10.42
C ALA A 243 -22.14 -3.17 9.55
N GLY A 244 -22.05 -4.42 10.02
CA GLY A 244 -22.65 -5.55 9.33
C GLY A 244 -22.01 -5.97 8.02
N CYS A 245 -20.85 -5.41 7.69
CA CYS A 245 -20.21 -5.72 6.42
C CYS A 245 -19.56 -7.08 6.56
N PRO A 246 -19.91 -8.03 5.69
CA PRO A 246 -19.31 -9.37 5.80
C PRO A 246 -17.79 -9.26 5.79
N ARG A 247 -17.13 -10.08 6.60
CA ARG A 247 -15.69 -9.98 6.77
C ARG A 247 -14.90 -10.23 5.46
N GLU A 248 -15.40 -11.12 4.59
CA GLU A 248 -14.71 -11.42 3.34
C GLU A 248 -14.77 -10.19 2.41
N MET A 249 -15.86 -9.41 2.49
CA MET A 249 -15.97 -8.18 1.69
C MET A 249 -15.05 -7.09 2.22
N TYR A 250 -14.97 -6.98 3.53
CA TYR A 250 -14.04 -6.03 4.15
C TYR A 250 -12.57 -6.41 3.87
N ASP A 251 -12.24 -7.70 3.90
CA ASP A 251 -10.91 -8.16 3.49
C ASP A 251 -10.57 -7.71 2.05
N LEU A 252 -11.54 -7.82 1.13
CA LEU A 252 -11.32 -7.41 -0.26
C LEU A 252 -11.07 -5.87 -0.36
N MET A 253 -11.79 -5.08 0.43
CA MET A 253 -11.49 -3.63 0.53
C MET A 253 -10.03 -3.35 0.81
N ASN A 254 -9.48 -4.04 1.79
CA ASN A 254 -8.09 -3.83 2.21
C ASN A 254 -7.10 -4.29 1.13
N LEU A 255 -7.42 -5.34 0.43
CA LEU A 255 -6.67 -5.76 -0.70
C LEU A 255 -6.64 -4.74 -1.84
N CYS A 256 -7.75 -4.13 -2.12
CA CYS A 256 -7.90 -3.07 -3.08
C CYS A 256 -7.09 -1.83 -2.70
N TRP A 257 -6.88 -1.67 -1.41
CA TRP A 257 -6.17 -0.57 -0.81
C TRP A 257 -4.73 -0.91 -0.51
N THR A 258 -4.20 -1.89 -1.21
CA THR A 258 -2.79 -2.13 -1.20
C THR A 258 -2.04 -0.92 -1.72
N TYR A 259 -1.07 -0.45 -0.97
CA TYR A 259 -0.31 0.73 -1.29
C TYR A 259 0.53 0.55 -2.55
N ASP A 260 1.18 -0.58 -2.69
CA ASP A 260 2.00 -0.83 -3.85
C ASP A 260 1.14 -1.23 -5.04
N VAL A 261 1.25 -0.48 -6.10
CA VAL A 261 0.44 -0.70 -7.23
C VAL A 261 0.58 -2.10 -7.79
N GLU A 262 1.79 -2.60 -7.87
CA GLU A 262 2.03 -3.88 -8.49
C GLU A 262 1.43 -5.09 -7.75
N ASN A 263 1.43 -5.02 -6.45
CA ASN A 263 0.86 -6.00 -5.57
C ASN A 263 -0.65 -5.88 -5.40
N ARG A 264 -1.20 -4.73 -5.74
CA ARG A 264 -2.63 -4.55 -5.71
C ARG A 264 -3.25 -5.37 -6.82
N PRO A 265 -4.39 -6.00 -6.60
CA PRO A 265 -4.94 -6.85 -7.64
C PRO A 265 -5.56 -6.13 -8.77
N GLY A 266 -5.64 -6.79 -9.90
CA GLY A 266 -6.32 -6.27 -11.08
C GLY A 266 -7.77 -6.66 -10.99
N PHE A 267 -8.61 -6.14 -11.88
CA PHE A 267 -10.04 -6.42 -11.81
C PHE A 267 -10.40 -7.88 -12.07
N ALA A 268 -9.58 -8.59 -12.86
CA ALA A 268 -9.80 -10.02 -13.06
C ALA A 268 -9.79 -10.76 -11.73
N ALA A 269 -8.80 -10.49 -10.89
CA ALA A 269 -8.69 -11.12 -9.56
C ALA A 269 -9.75 -10.61 -8.57
N VAL A 270 -10.08 -9.31 -8.66
CA VAL A 270 -11.14 -8.73 -7.83
C VAL A 270 -12.51 -9.31 -8.19
N GLU A 271 -12.88 -9.28 -9.46
CA GLU A 271 -14.15 -9.89 -9.89
C GLU A 271 -14.23 -11.38 -9.52
N LEU A 272 -13.11 -12.11 -9.61
CA LEU A 272 -13.12 -13.54 -9.29
C LEU A 272 -13.44 -13.80 -7.82
N ARG A 273 -12.89 -12.98 -6.93
CA ARG A 273 -13.19 -13.15 -5.50
C ARG A 273 -14.60 -12.72 -5.17
N LEU A 274 -15.08 -11.67 -5.84
CA LEU A 274 -16.47 -11.25 -5.67
C LEU A 274 -17.43 -12.32 -6.17
N ARG A 275 -17.10 -12.89 -7.32
CA ARG A 275 -17.93 -13.93 -7.93
C ARG A 275 -18.02 -15.18 -7.07
N ASN A 276 -16.87 -15.66 -6.58
CA ASN A 276 -16.86 -16.87 -5.73
C ASN A 276 -17.57 -16.60 -4.42
N TYR A 277 -17.39 -15.41 -3.87
CA TYR A 277 -17.99 -15.11 -2.58
C TYR A 277 -19.51 -14.99 -2.73
N TYR A 278 -19.97 -14.22 -3.71
CA TYR A 278 -21.41 -14.14 -4.02
C TYR A 278 -22.07 -15.51 -4.26
N TYR A 279 -21.51 -16.31 -5.16
CA TYR A 279 -22.05 -17.65 -5.44
C TYR A 279 -22.04 -18.58 -4.20
N ASP A 280 -21.08 -18.37 -3.31
CA ASP A 280 -20.99 -19.14 -2.06
C ASP A 280 -22.12 -18.83 -1.08
N VAL A 281 -22.71 -17.64 -1.15
CA VAL A 281 -23.70 -17.21 -0.14
C VAL A 281 -25.18 -17.30 -0.59
N VAL A 282 -25.59 -18.48 -1.07
CA VAL A 282 -27.03 -18.86 -1.13
C VAL A 282 -27.31 -19.87 0.01
N VAL B 11 -0.61 -4.63 27.01
CA VAL B 11 0.12 -4.87 25.78
C VAL B 11 -0.51 -5.96 24.98
N TYR B 12 -1.60 -6.51 25.49
CA TYR B 12 -2.28 -7.60 24.82
C TYR B 12 -3.37 -7.11 23.97
N LEU B 13 -3.28 -7.48 22.75
CA LEU B 13 -4.26 -7.11 21.73
C LEU B 13 -5.42 -8.11 21.68
N ASP B 14 -6.47 -7.68 20.99
CA ASP B 14 -7.68 -8.47 20.81
C ASP B 14 -7.62 -9.18 19.47
N ARG B 15 -7.64 -10.52 19.50
CA ARG B 15 -7.63 -11.34 18.28
C ARG B 15 -8.75 -11.02 17.31
N LYS B 16 -9.95 -10.76 17.83
CA LYS B 16 -11.10 -10.49 16.96
C LYS B 16 -10.89 -9.22 16.12
N LEU B 17 -10.01 -8.32 16.60
CA LEU B 17 -9.67 -7.07 15.93
C LEU B 17 -8.46 -7.12 14.99
N LEU B 18 -7.97 -8.32 14.68
CA LEU B 18 -6.83 -8.50 13.78
C LEU B 18 -7.21 -9.45 12.67
N THR B 19 -6.86 -9.06 11.44
CA THR B 19 -7.17 -9.82 10.24
C THR B 19 -5.85 -9.99 9.48
N LEU B 20 -5.52 -11.23 9.13
CA LEU B 20 -4.27 -11.55 8.43
C LEU B 20 -4.53 -11.99 6.99
N GLU B 21 -3.73 -11.47 6.06
CA GLU B 21 -3.67 -12.04 4.72
C GLU B 21 -2.93 -13.36 4.76
N ASP B 22 -3.24 -14.19 3.79
CA ASP B 22 -2.74 -15.55 3.66
C ASP B 22 -1.25 -15.63 3.40
N LYS B 23 -0.77 -14.72 2.60
CA LYS B 23 0.56 -14.82 2.09
C LYS B 23 1.60 -14.28 3.03
N GLU B 24 2.76 -14.93 2.99
CA GLU B 24 3.83 -14.65 3.95
C GLU B 24 4.83 -13.71 3.33
N LEU B 25 5.24 -12.70 4.09
CA LEU B 25 6.27 -11.77 3.66
C LEU B 25 7.68 -12.30 3.80
N GLY B 26 7.87 -13.37 4.58
CA GLY B 26 9.20 -13.90 4.86
C GLY B 26 9.39 -14.41 6.27
N SER B 27 10.52 -15.09 6.47
CA SER B 27 10.82 -15.78 7.71
C SER B 27 12.05 -15.13 8.33
N GLY B 28 11.91 -14.64 9.57
CA GLY B 28 13.03 -14.03 10.30
C GLY B 28 13.83 -15.05 11.09
N ASN B 29 14.53 -14.57 12.13
CA ASN B 29 15.27 -15.48 13.04
C ASN B 29 14.39 -16.60 13.61
N PHE B 30 13.23 -16.23 14.17
CA PHE B 30 12.34 -17.18 14.86
C PHE B 30 10.96 -17.41 14.26
N GLY B 31 10.36 -16.38 13.69
CA GLY B 31 8.94 -16.44 13.33
C GLY B 31 8.69 -16.53 11.83
N THR B 32 7.43 -16.35 11.46
CA THR B 32 7.05 -16.10 10.08
C THR B 32 6.19 -14.86 10.08
N VAL B 33 6.47 -13.92 9.17
CA VAL B 33 5.81 -12.61 9.15
C VAL B 33 4.77 -12.52 8.02
N LYS B 34 3.57 -12.03 8.37
CA LYS B 34 2.45 -11.84 7.44
C LYS B 34 1.89 -10.42 7.51
N LYS B 35 1.40 -9.92 6.37
CA LYS B 35 0.66 -8.66 6.33
C LYS B 35 -0.71 -8.85 6.97
N GLY B 36 -1.15 -7.83 7.71
CA GLY B 36 -2.46 -7.80 8.33
C GLY B 36 -2.97 -6.41 8.66
N TYR B 37 -4.11 -6.39 9.35
CA TYR B 37 -4.84 -5.16 9.68
C TYR B 37 -5.35 -5.23 11.10
N TYR B 38 -5.11 -4.19 11.89
CA TYR B 38 -5.61 -4.15 13.27
C TYR B 38 -6.57 -2.97 13.49
N GLN B 39 -7.79 -3.27 13.92
CA GLN B 39 -8.78 -2.24 14.32
C GLN B 39 -8.21 -1.38 15.46
N MET B 40 -7.74 -0.17 15.16
CA MET B 40 -7.30 0.77 16.21
C MET B 40 -8.51 1.48 16.83
N LYS B 41 -8.24 2.43 17.74
CA LYS B 41 -9.31 3.19 18.41
C LYS B 41 -10.35 3.76 17.44
N LYS B 42 -9.89 4.28 16.30
CA LYS B 42 -10.79 4.74 15.22
C LYS B 42 -10.37 4.17 13.84
N VAL B 43 -9.20 4.55 13.35
CA VAL B 43 -8.70 4.04 12.05
C VAL B 43 -8.29 2.57 12.14
N VAL B 44 -8.13 1.94 10.99
CA VAL B 44 -7.56 0.59 10.93
C VAL B 44 -6.10 0.78 10.57
N LYS B 45 -5.20 0.08 11.27
CA LYS B 45 -3.77 0.18 10.96
C LYS B 45 -3.28 -1.06 10.21
N THR B 46 -2.54 -0.85 9.13
CA THR B 46 -1.86 -1.94 8.44
C THR B 46 -0.67 -2.40 9.31
N VAL B 47 -0.55 -3.71 9.51
CA VAL B 47 0.47 -4.29 10.38
C VAL B 47 1.24 -5.42 9.71
N ALA B 48 2.43 -5.68 10.24
CA ALA B 48 3.16 -6.92 9.97
C ALA B 48 3.17 -7.75 11.26
N VAL B 49 2.76 -9.02 11.15
CA VAL B 49 2.52 -9.88 12.31
C VAL B 49 3.46 -11.06 12.26
N LYS B 50 4.27 -11.22 13.31
CA LYS B 50 5.17 -12.34 13.44
C LYS B 50 4.43 -13.46 14.12
N ILE B 51 4.44 -14.62 13.47
CA ILE B 51 3.59 -15.76 13.80
C ILE B 51 4.45 -17.01 14.01
N LEU B 52 4.06 -17.83 14.98
CA LEU B 52 4.73 -19.12 15.24
C LEU B 52 3.87 -20.28 14.72
N LYS B 53 4.41 -21.01 13.75
CA LYS B 53 3.70 -22.12 13.13
C LYS B 53 3.99 -23.43 13.86
N ASN B 54 3.03 -24.34 13.86
CA ASN B 54 3.27 -25.76 14.09
C ASN B 54 2.38 -26.67 13.23
N PRO B 59 7.40 -24.39 22.16
CA PRO B 59 7.44 -24.04 23.58
C PRO B 59 8.64 -23.16 23.92
N ALA B 60 9.83 -23.53 23.43
CA ALA B 60 11.00 -22.66 23.41
C ALA B 60 10.83 -21.51 22.41
N LEU B 61 10.15 -21.78 21.29
CA LEU B 61 9.96 -20.76 20.26
C LEU B 61 8.91 -19.74 20.70
N LYS B 62 7.90 -20.19 21.44
CA LYS B 62 7.03 -19.30 22.23
C LYS B 62 7.89 -18.36 23.08
N ASP B 63 8.80 -18.93 23.87
CA ASP B 63 9.65 -18.15 24.78
C ASP B 63 10.50 -17.10 24.05
N GLU B 64 11.02 -17.44 22.88
CA GLU B 64 11.80 -16.48 22.09
C GLU B 64 10.98 -15.39 21.44
N LEU B 65 9.77 -15.71 20.99
CA LEU B 65 8.86 -14.66 20.49
C LEU B 65 8.60 -13.66 21.61
N LEU B 66 8.22 -14.15 22.78
CA LEU B 66 7.96 -13.27 23.94
C LEU B 66 9.17 -12.45 24.38
N ALA B 67 10.36 -13.06 24.33
CA ALA B 67 11.60 -12.33 24.61
C ALA B 67 11.85 -11.18 23.62
N GLU B 68 11.58 -11.42 22.33
CA GLU B 68 11.69 -10.38 21.30
C GLU B 68 10.71 -9.23 21.57
N ALA B 69 9.48 -9.59 21.94
CA ALA B 69 8.47 -8.60 22.32
C ALA B 69 8.91 -7.80 23.53
N ASN B 70 9.38 -8.48 24.56
CA ASN B 70 9.92 -7.81 25.76
C ASN B 70 10.95 -6.75 25.40
N VAL B 71 11.92 -7.12 24.56
CA VAL B 71 12.90 -6.18 24.00
C VAL B 71 12.23 -5.00 23.27
N MET B 72 11.35 -5.30 22.30
CA MET B 72 10.76 -4.22 21.47
C MET B 72 9.89 -3.26 22.28
N GLN B 73 9.20 -3.82 23.27
CA GLN B 73 8.36 -3.06 24.20
C GLN B 73 9.13 -1.97 24.95
N GLN B 74 10.40 -2.24 25.26
CA GLN B 74 11.30 -1.28 25.92
C GLN B 74 11.87 -0.23 24.97
N LEU B 75 11.78 -0.47 23.67
CA LEU B 75 12.42 0.38 22.66
C LEU B 75 11.44 1.42 22.14
N ASP B 76 11.89 2.66 22.05
CA ASP B 76 11.08 3.72 21.52
C ASP B 76 11.88 4.73 20.78
N ASN B 77 12.10 4.50 19.51
CA ASN B 77 12.93 5.32 18.67
C ASN B 77 12.33 5.48 17.29
N PRO B 78 12.52 6.61 16.63
CA PRO B 78 11.97 6.77 15.28
C PRO B 78 12.48 5.77 14.25
N TYR B 79 13.68 5.30 14.45
CA TYR B 79 14.36 4.41 13.55
C TYR B 79 14.39 2.92 13.96
N ILE B 80 13.53 2.59 14.89
CA ILE B 80 13.28 1.23 15.33
C ILE B 80 11.81 0.87 15.02
N VAL B 81 11.60 -0.31 14.47
CA VAL B 81 10.27 -0.77 14.21
C VAL B 81 9.55 -0.90 15.53
N ARG B 82 8.32 -0.47 15.55
CA ARG B 82 7.55 -0.45 16.75
C ARG B 82 6.63 -1.63 16.85
N MET B 83 6.53 -2.17 18.04
CA MET B 83 5.58 -3.23 18.31
C MET B 83 4.24 -2.57 18.64
N ILE B 84 3.17 -3.02 17.98
CA ILE B 84 1.80 -2.62 18.35
C ILE B 84 1.46 -3.32 19.66
N GLY B 85 1.59 -4.63 19.67
CA GLY B 85 1.36 -5.42 20.87
C GLY B 85 1.51 -6.90 20.64
N ILE B 86 1.09 -7.68 21.61
CA ILE B 86 1.08 -9.12 21.52
C ILE B 86 -0.36 -9.60 21.42
N CYS B 87 -0.55 -10.73 20.75
CA CYS B 87 -1.85 -11.36 20.63
C CYS B 87 -1.72 -12.88 20.79
N GLU B 88 -2.32 -13.46 21.81
CA GLU B 88 -2.23 -14.91 21.93
C GLU B 88 -3.51 -15.47 21.38
N ALA B 89 -3.40 -16.14 20.25
CA ALA B 89 -4.58 -16.67 19.63
C ALA B 89 -4.62 -18.11 19.16
N GLU B 90 -4.14 -18.41 17.97
CA GLU B 90 -4.02 -19.80 17.54
C GLU B 90 -2.56 -20.16 17.67
N SER B 91 -1.76 -19.12 17.67
CA SER B 91 -0.34 -19.14 17.95
C SER B 91 0.00 -17.89 18.71
N TRP B 92 1.18 -17.82 19.28
CA TRP B 92 1.60 -16.51 19.75
C TRP B 92 1.90 -15.64 18.54
N MET B 93 1.55 -14.37 18.65
CA MET B 93 1.66 -13.43 17.54
C MET B 93 2.22 -12.10 18.03
N LEU B 94 3.18 -11.57 17.29
CA LEU B 94 3.80 -10.30 17.62
C LEU B 94 3.46 -9.30 16.51
N VAL B 95 2.67 -8.30 16.86
CA VAL B 95 2.11 -7.41 15.86
C VAL B 95 2.94 -6.14 15.82
N MET B 96 3.52 -5.86 14.66
CA MET B 96 4.35 -4.69 14.45
C MET B 96 3.79 -3.78 13.37
N GLU B 97 4.20 -2.51 13.38
CA GLU B 97 3.88 -1.62 12.27
C GLU B 97 4.52 -2.17 11.01
N MET B 98 3.89 -1.84 9.89
CA MET B 98 4.31 -2.28 8.55
C MET B 98 5.28 -1.25 7.95
N ALA B 99 6.40 -1.75 7.43
CA ALA B 99 7.35 -0.96 6.63
C ALA B 99 7.18 -1.44 5.20
N GLU B 100 6.40 -0.70 4.42
CA GLU B 100 5.81 -1.22 3.17
C GLU B 100 6.83 -1.62 2.08
N LEU B 101 7.89 -0.83 1.95
CA LEU B 101 8.94 -1.11 0.94
C LEU B 101 9.77 -2.36 1.24
N GLY B 102 9.86 -2.76 2.51
CA GLY B 102 10.52 -4.00 2.88
C GLY B 102 12.02 -3.89 3.12
N PRO B 103 12.74 -5.03 3.13
CA PRO B 103 14.16 -5.07 3.49
C PRO B 103 15.06 -4.21 2.59
N LEU B 104 16.07 -3.58 3.19
CA LEU B 104 16.96 -2.66 2.48
C LEU B 104 17.75 -3.35 1.38
N ASN B 105 18.10 -4.62 1.59
CA ASN B 105 18.93 -5.35 0.63
C ASN B 105 18.17 -5.73 -0.64
N LYS B 106 16.96 -6.29 -0.49
CA LYS B 106 16.14 -6.66 -1.64
C LYS B 106 15.58 -5.40 -2.33
N TYR B 107 15.38 -4.31 -1.58
CA TYR B 107 14.96 -3.05 -2.16
C TYR B 107 16.02 -2.53 -3.11
N LEU B 108 17.23 -2.33 -2.57
CA LEU B 108 18.34 -1.80 -3.33
C LEU B 108 18.70 -2.63 -4.55
N GLN B 109 18.59 -3.95 -4.43
CA GLN B 109 18.84 -4.83 -5.56
C GLN B 109 17.86 -4.60 -6.72
N GLN B 110 16.71 -3.98 -6.48
CA GLN B 110 15.79 -3.64 -7.55
C GLN B 110 15.57 -2.14 -7.76
N ASN B 111 16.39 -1.35 -7.11
CA ASN B 111 16.34 0.05 -7.29
C ASN B 111 17.72 0.64 -7.44
N ARG B 112 18.38 0.30 -8.54
CA ARG B 112 19.79 0.68 -8.76
C ARG B 112 19.92 2.15 -8.81
N HIS B 113 18.89 2.79 -9.30
CA HIS B 113 18.84 4.20 -9.49
C HIS B 113 18.93 5.01 -8.28
N VAL B 114 18.70 4.42 -7.12
CA VAL B 114 18.81 5.21 -5.88
C VAL B 114 20.20 5.79 -5.73
N LYS B 115 20.23 7.02 -5.27
CA LYS B 115 21.41 7.81 -5.29
C LYS B 115 22.23 7.74 -4.01
N ASP B 116 23.48 8.10 -4.23
CA ASP B 116 24.48 7.91 -3.27
C ASP B 116 24.02 8.61 -2.08
N LYS B 117 23.55 9.81 -2.28
CA LYS B 117 23.27 10.71 -1.21
C LYS B 117 22.21 10.06 -0.37
N ASN B 118 21.31 9.41 -1.06
CA ASN B 118 20.14 8.82 -0.41
C ASN B 118 20.51 7.60 0.47
N ILE B 119 21.55 6.88 0.07
CA ILE B 119 22.05 5.73 0.84
C ILE B 119 22.80 6.15 2.10
N ILE B 120 23.47 7.30 2.06
CA ILE B 120 24.02 7.87 3.29
C ILE B 120 22.87 8.26 4.21
N GLU B 121 21.82 8.86 3.65
CA GLU B 121 20.63 9.25 4.42
C GLU B 121 20.10 8.08 5.24
N LEU B 122 19.89 6.94 4.56
CA LEU B 122 19.33 5.74 5.17
C LEU B 122 20.27 5.07 6.17
N VAL B 123 21.55 4.98 5.81
CA VAL B 123 22.60 4.42 6.69
C VAL B 123 22.74 5.27 7.95
N HIS B 124 22.83 6.58 7.78
CA HIS B 124 22.88 7.50 8.92
C HIS B 124 21.71 7.28 9.91
N GLN B 125 20.53 7.07 9.36
CA GLN B 125 19.32 6.75 10.14
C GLN B 125 19.48 5.48 10.95
N VAL B 126 20.06 4.44 10.34
CA VAL B 126 20.35 3.21 11.05
C VAL B 126 21.35 3.50 12.19
N SER B 127 22.33 4.36 11.93
CA SER B 127 23.30 4.72 12.96
C SER B 127 22.65 5.48 14.11
N MET B 128 21.58 6.24 13.83
CA MET B 128 20.80 6.90 14.90
C MET B 128 20.01 5.91 15.73
N GLY B 129 19.41 4.93 15.08
CA GLY B 129 18.75 3.85 15.78
C GLY B 129 19.74 3.10 16.64
N MET B 130 20.87 2.76 16.06
CA MET B 130 21.89 1.98 16.74
C MET B 130 22.58 2.75 17.87
N LYS B 131 22.75 4.06 17.69
CA LYS B 131 23.20 4.95 18.75
C LYS B 131 22.28 4.85 19.96
N TYR B 132 20.98 4.98 19.69
CA TYR B 132 19.96 4.82 20.71
C TYR B 132 20.00 3.45 21.41
N LEU B 133 20.25 2.39 20.63
CA LEU B 133 20.34 1.03 21.17
C LEU B 133 21.56 0.85 22.06
N GLU B 134 22.69 1.41 21.63
CA GLU B 134 23.91 1.48 22.43
C GLU B 134 23.64 2.17 23.77
N GLU B 135 23.03 3.35 23.71
CA GLU B 135 22.64 4.13 24.92
C GLU B 135 21.69 3.36 25.83
N SER B 136 20.75 2.64 25.24
CA SER B 136 19.80 1.81 26.01
C SER B 136 20.44 0.53 26.53
N ASN B 137 21.68 0.27 26.12
CA ASN B 137 22.41 -0.94 26.49
C ASN B 137 21.72 -2.24 26.07
N PHE B 138 21.25 -2.23 24.81
CA PHE B 138 20.85 -3.44 24.10
C PHE B 138 21.84 -3.75 22.99
N VAL B 139 22.08 -5.04 22.77
CA VAL B 139 22.89 -5.50 21.65
C VAL B 139 21.94 -6.16 20.67
N HIS B 140 22.00 -5.74 19.41
CA HIS B 140 21.10 -6.22 18.38
C HIS B 140 21.48 -7.66 17.99
N ARG B 141 22.75 -7.89 17.67
CA ARG B 141 23.33 -9.23 17.32
C ARG B 141 23.03 -9.84 15.94
N ASP B 142 22.22 -9.16 15.14
CA ASP B 142 21.82 -9.60 13.81
C ASP B 142 21.69 -8.39 12.88
N LEU B 143 22.56 -7.39 13.07
CA LEU B 143 22.46 -6.16 12.32
C LEU B 143 22.99 -6.39 10.89
N ALA B 144 22.08 -6.54 9.94
CA ALA B 144 22.41 -6.76 8.55
C ALA B 144 21.39 -5.98 7.71
N ALA B 145 21.66 -5.79 6.43
CA ALA B 145 20.77 -4.96 5.59
C ALA B 145 19.37 -5.53 5.39
N ARG B 146 19.23 -6.85 5.49
CA ARG B 146 17.93 -7.53 5.53
C ARG B 146 17.04 -7.13 6.73
N ASN B 147 17.63 -6.74 7.85
CA ASN B 147 16.85 -6.24 8.99
C ASN B 147 16.79 -4.71 9.08
N VAL B 148 17.10 -4.02 7.99
CA VAL B 148 16.74 -2.60 7.86
C VAL B 148 15.53 -2.57 6.93
N LEU B 149 14.44 -1.98 7.40
CA LEU B 149 13.17 -2.04 6.67
C LEU B 149 12.75 -0.64 6.27
N LEU B 150 12.33 -0.50 5.02
CA LEU B 150 12.00 0.81 4.47
C LEU B 150 10.51 1.12 4.59
N VAL B 151 10.22 2.12 5.43
CA VAL B 151 8.90 2.71 5.50
C VAL B 151 8.71 3.52 4.23
N THR B 152 9.71 4.35 3.93
CA THR B 152 9.81 5.06 2.65
C THR B 152 11.26 5.01 2.18
N GLN B 153 11.49 5.53 0.97
CA GLN B 153 12.84 5.66 0.43
C GLN B 153 13.71 6.57 1.29
N HIS B 154 13.09 7.42 2.11
CA HIS B 154 13.83 8.33 3.00
C HIS B 154 13.56 8.04 4.48
N TYR B 155 13.31 6.77 4.81
CA TYR B 155 13.00 6.36 6.19
C TYR B 155 13.24 4.86 6.42
N ALA B 156 14.34 4.58 7.13
CA ALA B 156 14.77 3.24 7.46
C ALA B 156 14.51 2.98 8.93
N LYS B 157 14.13 1.76 9.24
CA LYS B 157 13.90 1.32 10.60
C LYS B 157 14.56 -0.04 10.76
N ILE B 158 15.26 -0.20 11.88
CA ILE B 158 15.94 -1.45 12.22
C ILE B 158 14.87 -2.41 12.74
N SER B 159 15.01 -3.66 12.42
CA SER B 159 14.07 -4.68 12.72
C SER B 159 14.73 -5.98 13.20
N ASP B 160 13.90 -6.89 13.64
CA ASP B 160 14.25 -8.25 14.14
C ASP B 160 15.15 -8.54 15.33
N PHE B 161 14.66 -8.21 16.50
CA PHE B 161 15.34 -8.41 17.73
C PHE B 161 15.40 -9.83 18.29
N GLY B 162 15.12 -10.79 17.44
CA GLY B 162 15.18 -12.20 17.82
C GLY B 162 16.44 -12.57 18.59
N LEU B 163 17.61 -12.13 18.10
CA LEU B 163 18.88 -12.42 18.76
C LEU B 163 19.29 -11.40 19.83
N SER B 164 18.53 -10.32 20.01
CA SER B 164 19.00 -9.19 20.80
C SER B 164 19.06 -9.49 22.30
N LYS B 165 19.89 -8.75 23.03
CA LYS B 165 19.95 -8.84 24.47
C LYS B 165 20.05 -7.50 25.14
N ALA B 166 19.37 -7.40 26.27
CA ALA B 166 19.53 -6.31 27.20
C ALA B 166 20.71 -6.65 28.12
N LEU B 167 21.82 -5.94 27.96
CA LEU B 167 22.98 -6.14 28.82
C LEU B 167 22.65 -5.72 30.26
N ARG B 168 23.08 -6.54 31.22
CA ARG B 168 22.93 -6.20 32.64
C ARG B 168 23.61 -4.86 32.87
N ALA B 169 23.13 -4.12 33.87
CA ALA B 169 23.64 -2.79 34.18
C ALA B 169 25.13 -2.73 34.55
N ASP B 170 25.66 -3.85 35.08
CA ASP B 170 27.10 -4.02 35.42
C ASP B 170 27.96 -4.58 34.26
N GLU B 171 27.31 -4.94 33.15
CA GLU B 171 27.92 -5.68 32.02
C GLU B 171 28.23 -4.74 30.86
N ASN B 172 29.26 -5.08 30.09
CA ASN B 172 29.58 -4.35 28.85
C ASN B 172 29.46 -5.23 27.58
N TYR B 173 29.40 -6.54 27.77
CA TYR B 173 29.23 -7.51 26.71
C TYR B 173 28.40 -8.70 27.19
N TYR B 174 27.88 -9.48 26.23
CA TYR B 174 27.14 -10.71 26.51
C TYR B 174 27.88 -11.87 25.84
N LYS B 175 27.99 -13.02 26.52
CA LYS B 175 28.72 -14.19 26.00
C LYS B 175 27.78 -15.40 25.86
N ALA B 176 27.77 -16.01 24.67
CA ALA B 176 26.81 -17.06 24.30
C ALA B 176 26.94 -18.34 25.14
N PRO B 183 25.50 -16.69 11.44
CA PRO B 183 25.54 -15.45 10.65
C PRO B 183 26.94 -14.82 10.59
N VAL B 184 27.92 -15.69 10.33
CA VAL B 184 29.35 -15.41 10.54
C VAL B 184 29.82 -14.16 9.80
N LYS B 185 29.33 -13.96 8.58
CA LYS B 185 29.72 -12.80 7.76
C LYS B 185 29.45 -11.42 8.37
N TRP B 186 28.50 -11.31 9.30
CA TRP B 186 28.22 -10.03 10.00
C TRP B 186 28.89 -9.91 11.39
N TYR B 187 29.57 -10.97 11.83
CA TYR B 187 30.16 -11.07 13.18
C TYR B 187 31.63 -10.63 13.29
N ALA B 188 31.91 -9.81 14.30
CA ALA B 188 33.27 -9.38 14.59
C ALA B 188 34.13 -10.57 15.06
N PRO B 189 35.47 -10.46 14.97
CA PRO B 189 36.32 -11.58 15.36
C PRO B 189 36.15 -12.01 16.82
N GLU B 190 35.96 -11.05 17.72
CA GLU B 190 35.67 -11.37 19.12
C GLU B 190 34.38 -12.19 19.34
N CYS B 191 33.39 -12.03 18.46
CA CYS B 191 32.21 -12.88 18.47
C CYS B 191 32.57 -14.31 18.02
N ILE B 192 33.34 -14.43 16.95
CA ILE B 192 33.70 -15.76 16.45
C ILE B 192 34.60 -16.52 17.43
N ASN B 193 35.58 -15.82 18.00
CA ASN B 193 36.57 -16.46 18.86
C ASN B 193 36.13 -16.65 20.30
N TYR B 194 35.58 -15.60 20.91
CA TYR B 194 35.20 -15.62 22.33
C TYR B 194 33.70 -15.52 22.57
N TYR B 195 32.89 -15.59 21.52
CA TYR B 195 31.43 -15.51 21.69
C TYR B 195 31.00 -14.26 22.42
N LYS B 196 31.73 -13.16 22.24
CA LYS B 196 31.50 -11.93 23.00
C LYS B 196 30.79 -10.90 22.14
N PHE B 197 29.63 -10.45 22.61
CA PHE B 197 28.76 -9.58 21.85
C PHE B 197 28.50 -8.29 22.61
N SER B 198 28.83 -7.17 21.99
CA SER B 198 28.71 -5.84 22.61
C SER B 198 28.25 -4.89 21.56
N SER B 199 28.02 -3.64 21.97
CA SER B 199 27.72 -2.57 21.02
C SER B 199 28.79 -2.42 19.96
N LYS B 200 30.03 -2.62 20.39
CA LYS B 200 31.16 -2.60 19.49
C LYS B 200 31.06 -3.70 18.41
N SER B 201 30.59 -4.90 18.73
CA SER B 201 30.41 -5.91 17.67
C SER B 201 29.23 -5.60 16.73
N ASP B 202 28.19 -4.95 17.23
CA ASP B 202 27.16 -4.36 16.36
C ASP B 202 27.74 -3.28 15.41
N VAL B 203 28.81 -2.60 15.85
CA VAL B 203 29.49 -1.62 14.98
C VAL B 203 30.19 -2.33 13.82
N TRP B 204 30.86 -3.45 14.10
CA TRP B 204 31.38 -4.33 13.04
C TRP B 204 30.27 -4.74 12.04
N SER B 205 29.18 -5.30 12.55
CA SER B 205 28.01 -5.62 11.71
C SER B 205 27.58 -4.46 10.81
N PHE B 206 27.43 -3.29 11.41
CA PHE B 206 27.05 -2.06 10.71
C PHE B 206 27.98 -1.72 9.55
N GLY B 207 29.27 -1.98 9.73
CA GLY B 207 30.22 -1.86 8.65
C GLY B 207 29.84 -2.72 7.47
N VAL B 208 29.54 -3.98 7.74
CA VAL B 208 29.10 -4.90 6.69
C VAL B 208 27.79 -4.38 6.08
N LEU B 209 26.88 -3.92 6.93
CA LEU B 209 25.61 -3.31 6.47
C LEU B 209 25.83 -2.16 5.49
N MET B 210 26.81 -1.32 5.79
CA MET B 210 27.22 -0.24 4.90
C MET B 210 27.75 -0.78 3.60
N TRP B 211 28.56 -1.84 3.67
CA TRP B 211 29.03 -2.49 2.45
C TRP B 211 27.86 -2.93 1.58
N GLU B 212 26.92 -3.63 2.22
CA GLU B 212 25.69 -4.09 1.55
C GLU B 212 24.91 -2.96 0.88
N ALA B 213 24.74 -1.86 1.60
CA ALA B 213 23.97 -0.73 1.08
C ALA B 213 24.58 -0.18 -0.21
N PHE B 214 25.85 0.20 -0.15
CA PHE B 214 26.54 0.77 -1.32
C PHE B 214 26.86 -0.26 -2.41
N SER B 215 26.69 -1.55 -2.11
CA SER B 215 26.68 -2.61 -3.11
C SER B 215 25.28 -2.90 -3.68
N TYR B 216 24.32 -2.01 -3.43
CA TYR B 216 22.93 -2.19 -3.81
C TYR B 216 22.42 -3.62 -3.57
N GLY B 217 22.68 -4.12 -2.35
CA GLY B 217 22.17 -5.40 -1.89
C GLY B 217 22.95 -6.64 -2.32
N GLN B 218 24.23 -6.47 -2.60
CA GLN B 218 25.12 -7.60 -2.89
C GLN B 218 25.43 -8.31 -1.56
N LYS B 219 25.51 -9.64 -1.58
CA LYS B 219 25.94 -10.40 -0.39
C LYS B 219 27.44 -10.14 -0.11
N PRO B 220 27.81 -9.95 1.17
CA PRO B 220 29.23 -9.77 1.50
C PRO B 220 29.95 -11.10 1.38
N TYR B 221 31.25 -11.08 1.13
CA TYR B 221 32.04 -12.30 1.06
C TYR B 221 31.42 -13.37 0.11
N ARG B 222 30.99 -12.94 -1.08
CA ARG B 222 30.37 -13.84 -2.06
C ARG B 222 31.18 -15.11 -2.24
N GLY B 223 30.50 -16.26 -2.14
CA GLY B 223 31.12 -17.57 -2.37
C GLY B 223 31.76 -18.23 -1.16
N MET B 224 32.09 -17.44 -0.13
CA MET B 224 32.99 -17.89 0.95
C MET B 224 32.26 -18.56 2.11
N LYS B 225 32.83 -19.66 2.61
CA LYS B 225 32.40 -20.29 3.87
C LYS B 225 32.80 -19.45 5.09
N GLY B 226 32.21 -19.76 6.25
CA GLY B 226 32.52 -19.08 7.51
C GLY B 226 34.00 -19.10 7.88
N SER B 227 34.60 -20.28 7.80
CA SER B 227 36.04 -20.45 8.06
C SER B 227 36.93 -19.66 7.08
N GLU B 228 36.44 -19.46 5.85
CA GLU B 228 37.17 -18.68 4.85
C GLU B 228 37.07 -17.16 5.13
N VAL B 229 35.95 -16.71 5.68
CA VAL B 229 35.82 -15.30 6.09
C VAL B 229 36.76 -15.01 7.26
N THR B 230 36.78 -15.93 8.22
CA THR B 230 37.63 -15.81 9.42
C THR B 230 39.12 -15.75 9.06
N ALA B 231 39.58 -16.67 8.21
CA ALA B 231 40.96 -16.64 7.71
C ALA B 231 41.31 -15.34 6.98
N MET B 232 40.41 -14.85 6.15
CA MET B 232 40.63 -13.58 5.44
C MET B 232 40.86 -12.41 6.41
N LEU B 233 39.97 -12.29 7.39
CA LEU B 233 40.04 -11.21 8.39
C LEU B 233 41.26 -11.33 9.32
N GLU B 234 41.66 -12.56 9.61
CA GLU B 234 42.86 -12.79 10.43
C GLU B 234 44.17 -12.57 9.65
N LYS B 235 44.08 -12.24 8.35
CA LYS B 235 45.21 -11.68 7.59
C LYS B 235 45.24 -10.14 7.54
N GLY B 236 44.32 -9.46 8.22
CA GLY B 236 44.16 -8.02 8.04
C GLY B 236 43.45 -7.64 6.74
N GLU B 237 42.84 -8.61 6.06
CA GLU B 237 42.13 -8.32 4.83
C GLU B 237 40.67 -7.99 5.14
N ARG B 238 40.12 -7.09 4.32
CA ARG B 238 38.73 -6.64 4.43
C ARG B 238 38.14 -6.59 3.03
N MET B 239 36.84 -6.41 2.95
CA MET B 239 36.16 -6.39 1.66
C MET B 239 36.56 -5.14 0.87
N GLY B 240 36.68 -5.30 -0.44
CA GLY B 240 36.93 -4.18 -1.34
C GLY B 240 35.79 -3.18 -1.41
N CYS B 241 36.14 -1.93 -1.70
CA CYS B 241 35.19 -0.84 -1.93
C CYS B 241 34.15 -1.23 -2.99
N PRO B 242 32.84 -1.02 -2.70
CA PRO B 242 31.87 -1.24 -3.79
C PRO B 242 31.91 -0.12 -4.84
N ALA B 243 31.44 -0.43 -6.06
CA ALA B 243 31.44 0.55 -7.16
C ALA B 243 30.61 1.79 -6.81
N GLY B 244 31.15 2.97 -7.12
CA GLY B 244 30.44 4.24 -6.93
C GLY B 244 30.49 4.76 -5.50
N CYS B 245 30.94 3.90 -4.61
CA CYS B 245 30.85 4.12 -3.19
C CYS B 245 31.64 5.31 -2.75
N PRO B 246 31.07 6.20 -2.00
CA PRO B 246 31.78 7.40 -1.67
C PRO B 246 32.99 7.05 -0.87
N ARG B 247 33.95 7.95 -0.78
CA ARG B 247 35.25 7.55 -0.23
C ARG B 247 35.28 7.61 1.28
N GLU B 248 34.76 8.69 1.84
CA GLU B 248 34.65 8.85 3.29
C GLU B 248 33.77 7.75 3.91
N MET B 249 32.85 7.21 3.11
CA MET B 249 31.99 6.09 3.52
C MET B 249 32.72 4.75 3.51
N TYR B 250 33.57 4.50 2.52
CA TYR B 250 34.42 3.31 2.54
C TYR B 250 35.50 3.36 3.64
N ASP B 251 35.95 4.55 4.01
CA ASP B 251 36.83 4.73 5.16
C ASP B 251 36.12 4.33 6.46
N LEU B 252 34.85 4.70 6.55
CA LEU B 252 34.04 4.37 7.71
C LEU B 252 33.90 2.86 7.90
N MET B 253 33.74 2.12 6.80
CA MET B 253 33.55 0.67 6.85
C MET B 253 34.76 -0.02 7.45
N ASN B 254 35.93 0.37 6.96
CA ASN B 254 37.19 -0.18 7.50
C ASN B 254 37.38 0.18 8.95
N LEU B 255 37.05 1.39 9.32
CA LEU B 255 37.11 1.79 10.71
C LEU B 255 36.11 1.03 11.58
N CYS B 256 34.92 0.75 11.03
CA CYS B 256 33.98 -0.18 11.64
C CYS B 256 34.57 -1.58 11.79
N TRP B 257 35.40 -1.96 10.82
CA TRP B 257 36.10 -3.25 10.85
C TRP B 257 37.47 -3.21 11.55
N THR B 258 37.69 -2.26 12.48
CA THR B 258 38.86 -2.28 13.38
C THR B 258 38.87 -3.60 14.16
N TYR B 259 39.97 -4.33 14.11
CA TYR B 259 40.06 -5.65 14.75
C TYR B 259 39.86 -5.57 16.26
N ASP B 260 40.51 -4.59 16.88
CA ASP B 260 40.54 -4.47 18.32
C ASP B 260 39.24 -3.85 18.79
N VAL B 261 38.60 -4.51 19.75
CA VAL B 261 37.31 -4.04 20.26
C VAL B 261 37.39 -2.63 20.81
N GLU B 262 38.45 -2.33 21.56
CA GLU B 262 38.52 -1.08 22.30
C GLU B 262 38.91 0.11 21.43
N ASN B 263 39.64 -0.14 20.34
CA ASN B 263 39.98 0.92 19.39
C ASN B 263 38.89 1.08 18.32
N ARG B 264 38.07 0.05 18.10
CA ARG B 264 36.91 0.17 17.22
C ARG B 264 35.93 1.21 17.78
N PRO B 265 35.40 2.09 16.92
CA PRO B 265 34.47 3.15 17.35
C PRO B 265 33.13 2.64 17.92
N GLY B 266 32.52 3.44 18.79
CA GLY B 266 31.15 3.22 19.24
C GLY B 266 30.19 3.86 18.26
N PHE B 267 28.88 3.67 18.45
CA PHE B 267 27.91 4.27 17.54
C PHE B 267 27.82 5.79 17.66
N ALA B 268 28.29 6.36 18.77
CA ALA B 268 28.39 7.82 18.92
C ALA B 268 29.26 8.40 17.81
N ALA B 269 30.47 7.86 17.69
CA ALA B 269 31.42 8.30 16.68
C ALA B 269 30.95 7.95 15.27
N VAL B 270 30.40 6.74 15.09
CA VAL B 270 29.92 6.32 13.76
C VAL B 270 28.76 7.19 13.26
N GLU B 271 27.85 7.56 14.17
CA GLU B 271 26.74 8.47 13.86
C GLU B 271 27.23 9.91 13.67
N LEU B 272 28.07 10.39 14.60
CA LEU B 272 28.56 11.79 14.53
C LEU B 272 29.36 12.00 13.26
N ARG B 273 30.18 11.01 12.88
CA ARG B 273 30.77 11.04 11.56
C ARG B 273 29.64 11.07 10.53
N LEU B 274 28.90 9.97 10.41
CA LEU B 274 27.95 9.79 9.29
C LEU B 274 27.12 11.02 8.93
N ARG B 275 26.63 11.68 9.96
CA ARG B 275 25.95 12.96 9.81
C ARG B 275 26.73 13.95 8.96
N ASN B 276 27.97 14.21 9.36
CA ASN B 276 28.79 15.27 8.75
C ASN B 276 28.99 15.12 7.25
N TYR B 277 29.10 13.88 6.76
CA TYR B 277 29.18 13.63 5.32
C TYR B 277 27.82 13.84 4.65
C4 8OU C . -27.14 9.49 -15.40
C5 8OU C . -28.44 9.10 -15.00
C6 8OU C . -28.86 9.70 -13.81
N1 8OU C . -28.11 10.64 -13.25
N3 8OU C . -26.41 10.41 -14.73
CAL 8OU C . -27.08 12.59 -11.70
CAJ 8OU C . -26.67 12.02 -10.46
CBA 8OU C . -25.10 11.99 -10.32
OAC 8OU C . -24.78 11.25 -9.13
CAK 8OU C . -24.41 11.34 -11.48
CAM 8OU C . -24.88 12.11 -12.73
NBB 8OU C . -26.33 11.91 -12.81
C2 8OU C . -26.91 11.01 -13.62
CAF 8OU C . -26.55 8.92 -16.53
CAD 8OU C . -27.25 7.96 -17.27
NAR 8OU C . -28.46 7.59 -16.89
CAV 8OU C . -29.09 8.13 -15.76
OAB 8OU C . -30.20 7.72 -15.49
NAQ 8OU C . -30.02 9.77 -13.16
CAS 8OU C . -30.89 9.02 -12.50
CAI 8OU C . -30.65 9.97 -11.44
CAW 8OU C . -31.24 10.13 -10.27
CAH 8OU C . -30.95 10.88 -9.22
NAN 8OU C . -31.88 10.66 -8.30
NBC 8OU C . -32.70 9.83 -8.73
CAA 8OU C . -33.88 9.32 -7.99
CAY 8OU C . -32.33 9.48 -9.96
CAG 8OU C . -32.79 8.67 -10.86
CAE 8OU C . -32.17 8.57 -12.11
C4 8OU D . 8.58 -7.14 9.40
C5 8OU D . 8.09 -6.33 8.35
C6 8OU D . 8.21 -6.80 7.03
N1 8OU D . 8.80 -8.02 6.91
N3 8OU D . 9.16 -8.34 9.16
CAL 8OU D . 9.87 -10.65 6.27
CAJ 8OU D . 11.22 -10.75 5.80
CBA 8OU D . 12.11 -11.43 6.87
OAC 8OU D . 13.45 -11.35 6.42
CAK 8OU D . 12.05 -10.78 8.25
CAM 8OU D . 10.58 -10.81 8.63
NBB 8OU D . 9.85 -10.00 7.62
C2 8OU D . 9.28 -8.79 7.90
CAF 8OU D . 8.50 -6.71 10.72
CAD 8OU D . 7.92 -5.48 10.99
NAR 8OU D . 7.44 -4.70 10.02
CAV 8OU D . 7.52 -5.10 8.68
OAB 8OU D . 7.07 -4.35 7.80
NAQ 8OU D . 7.74 -6.06 5.96
CAS 8OU D . 8.02 -6.44 4.67
CAI 8OU D . 7.67 -5.75 3.49
CAW 8OU D . 8.01 -6.28 2.28
CAH 8OU D . 7.86 -5.90 1.01
NAN 8OU D . 8.40 -6.84 0.22
NBC 8OU D . 8.88 -7.75 0.90
CAA 8OU D . 9.57 -8.99 0.40
CAY 8OU D . 8.65 -7.45 2.16
CAG 8OU D . 8.98 -8.14 3.23
CAE 8OU D . 8.67 -7.65 4.45
#